data_7JWT
#
_entry.id   7JWT
#
_cell.length_a   109.205
_cell.length_b   109.205
_cell.length_c   83.219
_cell.angle_alpha   90.000
_cell.angle_beta   90.000
_cell.angle_gamma   90.000
#
_symmetry.space_group_name_H-M   'P 4 2 2'
#
loop_
_entity.id
_entity.type
_entity.pdbx_description
1 polymer 'Retinal dehydrogenase 1'
2 non-polymer 'YTTERBIUM (III) ION'
3 non-polymer 6-{[(1R)-1-(3-hydroxyphenyl)ethyl]sulfanyl}-1-methyl-5-phenyl-1,5-dihydro-4H-pyrazolo[3,4-d]pyrimidin-4-one
4 non-polymer 'CHLORIDE ION'
5 water water
#
_entity_poly.entity_id   1
_entity_poly.type   'polypeptide(L)'
_entity_poly.pdbx_seq_one_letter_code
;MSSSGTPDLPVLLTDLKIQYTKIFINNEWHDSVSGKKFPVFNPATEEELCQVEEGDKEDVDKAVKAARQAFQIGSPWRTM
DASERGRLLYKLADLIERDRLLLATMESMNGGKLYSNAYLSDLAGCIKTLRYCAGWADKIQGRTIPIDGNFFTYTRHEPI
GVCGQIIPWNFPLVMLIWKIGPALSCGNTVVVKPAEQTPLTALHVASLIKEAGFPPGVVNIVPGYGPTAGAAISSHMDID
KVAFTGSTEVGKLIKEAAGKSNLKRVTLELGGKSPCIVLADADLDNAVEFAHHGVFYHQGQCCIAASRIFVEESIYDEFV
RRSVERAKKYILGNPLTPGVTQGPQIDKEQYDKILDLIESGKKEGAKLECGGGPWGNKGYFVQPTVFSNVTDEMRIAKEE
IFGPVQQIMKFKSLDDVIKRANNTFYGLSAGVFTKDIDKAITISSALQAGTVWVNCYGVVSAQCPFGGFKMSGNGRELGE
YGFHEYTEVKTVTVKISQKNS
;
_entity_poly.pdbx_strand_id   A
#
loop_
_chem_comp.id
_chem_comp.type
_chem_comp.name
_chem_comp.formula
CL non-polymer 'CHLORIDE ION' 'Cl -1'
VM4 non-polymer 6-{[(1R)-1-(3-hydroxyphenyl)ethyl]sulfanyl}-1-methyl-5-phenyl-1,5-dihydro-4H-pyrazolo[3,4-d]pyrimidin-4-one 'C20 H18 N4 O2 S'
YB non-polymer 'YTTERBIUM (III) ION' 'Yb 3'
#
# COMPACT_ATOMS: atom_id res chain seq x y z
N ASP A 8 -7.30 -19.39 -15.26
CA ASP A 8 -6.73 -19.12 -16.62
C ASP A 8 -5.77 -17.92 -16.61
N LEU A 9 -4.62 -18.08 -17.26
CA LEU A 9 -3.60 -17.02 -17.30
C LEU A 9 -3.23 -16.66 -18.74
N PRO A 10 -4.00 -15.73 -19.36
CA PRO A 10 -3.65 -15.25 -20.70
C PRO A 10 -2.47 -14.28 -20.67
N VAL A 11 -1.89 -14.05 -21.84
CA VAL A 11 -0.73 -13.15 -21.99
C VAL A 11 -0.88 -12.19 -23.17
N LEU A 12 -0.05 -11.16 -23.14
CA LEU A 12 -0.01 -10.14 -24.18
C LEU A 12 0.59 -10.73 -25.44
N LEU A 13 -0.13 -10.65 -26.57
CA LEU A 13 0.23 -11.36 -27.81
C LEU A 13 1.40 -10.75 -28.58
N THR A 14 1.53 -9.43 -28.55
CA THR A 14 2.75 -8.74 -29.03
C THR A 14 3.48 -8.08 -27.85
N ASP A 15 4.74 -7.71 -28.07
CA ASP A 15 5.59 -7.14 -27.01
C ASP A 15 5.07 -5.76 -26.57
N LEU A 16 5.33 -5.44 -25.30
CA LEU A 16 4.87 -4.18 -24.71
C LEU A 16 5.72 -3.01 -25.18
N LYS A 17 5.06 -1.95 -25.65
CA LYS A 17 5.70 -0.67 -25.92
C LYS A 17 5.31 0.31 -24.84
N ILE A 18 6.24 1.18 -24.44
CA ILE A 18 5.96 2.23 -23.48
C ILE A 18 5.56 3.48 -24.27
N GLN A 19 4.43 4.06 -23.90
CA GLN A 19 3.87 5.25 -24.54
C GLN A 19 3.87 6.48 -23.63
N TYR A 20 3.34 6.34 -22.42
CA TYR A 20 3.16 7.49 -21.51
C TYR A 20 4.34 7.62 -20.57
N THR A 21 5.05 8.73 -20.70
CA THR A 21 6.25 9.02 -19.92
C THR A 21 6.34 10.46 -19.41
N LYS A 22 5.26 11.22 -19.54
CA LYS A 22 5.25 12.63 -19.22
C LYS A 22 4.45 12.92 -17.94
N ILE A 23 4.61 14.14 -17.44
CA ILE A 23 3.84 14.63 -16.31
C ILE A 23 2.39 14.90 -16.75
N PHE A 24 1.41 14.49 -15.93
CA PHE A 24 -0.01 14.59 -16.30
C PHE A 24 -0.67 15.66 -15.43
N ILE A 25 -1.04 16.78 -16.07
CA ILE A 25 -1.68 17.93 -15.40
C ILE A 25 -2.81 18.45 -16.30
N ASN A 26 -3.98 18.73 -15.72
CA ASN A 26 -5.16 19.18 -16.48
C ASN A 26 -5.49 18.31 -17.72
N ASN A 27 -5.36 16.99 -17.56
CA ASN A 27 -5.56 16.00 -18.64
C ASN A 27 -4.71 16.21 -19.89
N GLU A 28 -3.53 16.78 -19.71
CA GLU A 28 -2.60 16.91 -20.83
C GLU A 28 -1.20 16.51 -20.35
N TRP A 29 -0.34 16.20 -21.31
CA TRP A 29 0.98 15.65 -21.03
C TRP A 29 2.00 16.79 -21.06
N HIS A 30 2.76 16.92 -19.98
CA HIS A 30 3.69 18.03 -19.77
C HIS A 30 5.13 17.55 -19.70
N ASP A 31 6.03 18.24 -20.39
CA ASP A 31 7.45 18.13 -20.10
C ASP A 31 7.70 18.79 -18.75
N SER A 32 8.74 18.33 -18.06
CA SER A 32 9.21 18.93 -16.83
C SER A 32 9.65 20.38 -17.06
N VAL A 33 9.45 21.22 -16.04
CA VAL A 33 9.86 22.63 -16.04
C VAL A 33 11.35 22.78 -16.34
N SER A 34 12.18 21.96 -15.70
CA SER A 34 13.63 21.94 -15.94
C SER A 34 13.96 21.38 -17.31
N GLY A 35 13.19 20.38 -17.75
CA GLY A 35 13.44 19.65 -18.98
C GLY A 35 14.23 18.38 -18.72
N LYS A 36 14.47 18.06 -17.45
CA LYS A 36 15.22 16.87 -17.06
C LYS A 36 14.34 15.63 -17.08
N LYS A 37 14.97 14.50 -17.41
CA LYS A 37 14.32 13.19 -17.41
C LYS A 37 15.15 12.23 -16.57
N PHE A 38 14.52 11.14 -16.12
CA PHE A 38 15.20 10.15 -15.29
C PHE A 38 14.89 8.72 -15.76
N PRO A 39 15.87 7.80 -15.60
CA PRO A 39 15.69 6.47 -16.16
C PRO A 39 14.82 5.59 -15.27
N VAL A 40 14.13 4.66 -15.91
CA VAL A 40 13.35 3.64 -15.23
C VAL A 40 13.92 2.28 -15.66
N PHE A 41 14.16 1.42 -14.67
CA PHE A 41 14.85 0.16 -14.89
C PHE A 41 13.98 -1.06 -14.67
N ASN A 42 14.36 -2.15 -15.34
CA ASN A 42 13.83 -3.47 -15.05
C ASN A 42 14.73 -4.08 -13.96
N PRO A 43 14.19 -4.34 -12.76
CA PRO A 43 15.01 -4.93 -11.70
C PRO A 43 15.49 -6.37 -11.93
N ALA A 44 14.90 -7.08 -12.89
CA ALA A 44 15.27 -8.44 -13.21
C ALA A 44 16.49 -8.52 -14.14
N THR A 45 16.65 -7.51 -14.99
CA THR A 45 17.79 -7.43 -15.91
C THR A 45 18.79 -6.30 -15.60
N GLU A 46 18.41 -5.37 -14.72
CA GLU A 46 19.15 -4.12 -14.45
C GLU A 46 19.26 -3.20 -15.67
N GLU A 47 18.43 -3.45 -16.69
CA GLU A 47 18.46 -2.69 -17.94
C GLU A 47 17.42 -1.58 -17.92
N GLU A 48 17.77 -0.47 -18.54
CA GLU A 48 16.89 0.69 -18.61
C GLU A 48 15.72 0.37 -19.56
N LEU A 49 14.50 0.63 -19.11
CA LEU A 49 13.29 0.43 -19.91
C LEU A 49 12.93 1.67 -20.71
N CYS A 50 13.07 2.85 -20.10
CA CYS A 50 12.75 4.12 -20.74
C CYS A 50 13.22 5.29 -19.87
N GLN A 51 12.99 6.50 -20.38
CA GLN A 51 13.20 7.74 -19.66
C GLN A 51 11.83 8.37 -19.39
N VAL A 52 11.67 8.98 -18.23
CA VAL A 52 10.41 9.58 -17.78
C VAL A 52 10.70 11.01 -17.30
N GLU A 53 9.77 11.94 -17.54
CA GLU A 53 9.97 13.35 -17.18
C GLU A 53 10.10 13.51 -15.66
N GLU A 54 11.16 14.19 -15.22
CA GLU A 54 11.45 14.32 -13.80
C GLU A 54 10.73 15.51 -13.19
N GLY A 55 9.67 15.22 -12.46
CA GLY A 55 8.94 16.23 -11.74
C GLY A 55 9.73 16.71 -10.53
N ASP A 56 9.73 18.02 -10.32
CA ASP A 56 10.33 18.63 -9.13
C ASP A 56 9.30 19.59 -8.50
N LYS A 57 9.74 20.39 -7.53
CA LYS A 57 8.89 21.38 -6.83
C LYS A 57 8.12 22.30 -7.78
N GLU A 58 8.79 22.73 -8.84
CA GLU A 58 8.20 23.64 -9.82
C GLU A 58 7.00 22.96 -10.57
N ASP A 59 7.06 21.64 -10.75
CA ASP A 59 5.99 20.89 -11.42
C ASP A 59 4.88 20.47 -10.48
N VAL A 60 5.24 20.22 -9.22
CA VAL A 60 4.26 20.01 -8.17
C VAL A 60 3.39 21.27 -8.05
N ASP A 61 4.01 22.44 -8.21
CA ASP A 61 3.27 23.70 -8.11
C ASP A 61 2.21 23.85 -9.20
N LYS A 62 2.57 23.52 -10.44
CA LYS A 62 1.58 23.47 -11.54
C LYS A 62 0.45 22.50 -11.28
N ALA A 63 0.80 21.32 -10.78
CA ALA A 63 -0.18 20.28 -10.45
C ALA A 63 -1.16 20.71 -9.36
N VAL A 64 -0.65 21.36 -8.30
CA VAL A 64 -1.48 21.84 -7.19
C VAL A 64 -2.41 22.97 -7.64
N LYS A 65 -1.88 23.93 -8.40
CA LYS A 65 -2.73 25.01 -8.93
C LYS A 65 -3.90 24.45 -9.76
N ALA A 66 -3.65 23.39 -10.52
CA ALA A 66 -4.68 22.75 -11.35
C ALA A 66 -5.71 22.01 -10.50
N ALA A 67 -5.22 21.31 -9.49
CA ALA A 67 -6.08 20.64 -8.52
C ALA A 67 -6.94 21.62 -7.72
N ARG A 68 -6.35 22.76 -7.36
CA ARG A 68 -7.07 23.80 -6.64
C ARG A 68 -8.19 24.37 -7.51
N GLN A 69 -7.89 24.63 -8.79
CA GLN A 69 -8.89 25.16 -9.71
C GLN A 69 -10.02 24.14 -9.95
N ALA A 70 -9.69 22.86 -10.06
CA ALA A 70 -10.70 21.82 -10.23
C ALA A 70 -11.58 21.64 -8.99
N PHE A 71 -11.07 22.07 -7.83
CA PHE A 71 -11.82 22.02 -6.58
C PHE A 71 -12.66 23.26 -6.27
N GLN A 72 -12.55 24.33 -7.07
CA GLN A 72 -13.25 25.57 -6.73
C GLN A 72 -14.75 25.36 -6.73
N ILE A 73 -15.43 26.00 -5.77
CA ILE A 73 -16.88 26.03 -5.72
C ILE A 73 -17.43 26.45 -7.09
N GLY A 74 -18.37 25.66 -7.61
CA GLY A 74 -18.99 25.92 -8.92
C GLY A 74 -18.35 25.18 -10.09
N SER A 75 -17.21 24.52 -9.85
CA SER A 75 -16.52 23.75 -10.88
C SER A 75 -17.30 22.49 -11.24
N PRO A 76 -17.02 21.90 -12.40
CA PRO A 76 -17.71 20.66 -12.76
C PRO A 76 -17.59 19.53 -11.71
N TRP A 77 -16.38 19.33 -11.16
CA TRP A 77 -16.16 18.29 -10.15
C TRP A 77 -16.89 18.55 -8.82
N ARG A 78 -17.04 19.82 -8.42
CA ARG A 78 -17.78 20.12 -7.19
C ARG A 78 -19.29 20.05 -7.36
N THR A 79 -19.77 20.35 -8.57
CA THR A 79 -21.19 20.46 -8.85
C THR A 79 -21.84 19.20 -9.46
N MET A 80 -21.05 18.28 -9.99
CA MET A 80 -21.65 17.06 -10.54
C MET A 80 -22.29 16.23 -9.45
N ASP A 81 -23.24 15.40 -9.84
CA ASP A 81 -23.90 14.53 -8.88
C ASP A 81 -22.85 13.59 -8.33
N ALA A 82 -22.97 13.27 -7.05
CA ALA A 82 -22.12 12.25 -6.43
C ALA A 82 -22.20 10.95 -7.22
N SER A 83 -23.41 10.60 -7.65
CA SER A 83 -23.63 9.39 -8.42
C SER A 83 -22.77 9.36 -9.70
N GLU A 84 -22.56 10.55 -10.30
CA GLU A 84 -21.71 10.70 -11.50
CA GLU A 84 -21.71 10.68 -11.49
C GLU A 84 -20.22 10.57 -11.17
N ARG A 85 -19.78 11.07 -10.01
CA ARG A 85 -18.42 10.75 -9.53
C ARG A 85 -18.27 9.22 -9.49
N GLY A 86 -19.30 8.56 -8.95
CA GLY A 86 -19.35 7.09 -8.90
C GLY A 86 -19.21 6.46 -10.27
N ARG A 87 -20.04 6.94 -11.19
CA ARG A 87 -20.04 6.49 -12.57
C ARG A 87 -18.66 6.55 -13.25
N LEU A 88 -17.95 7.66 -13.05
CA LEU A 88 -16.61 7.89 -13.63
C LEU A 88 -15.60 6.89 -13.09
N LEU A 89 -15.71 6.63 -11.79
CA LEU A 89 -14.85 5.65 -11.15
C LEU A 89 -15.11 4.23 -11.66
N TYR A 90 -16.38 3.86 -11.87
N TYR A 90 -16.40 3.88 -11.82
CA TYR A 90 -16.70 2.52 -12.41
CA TYR A 90 -16.80 2.59 -12.42
C TYR A 90 -16.29 2.42 -13.88
C TYR A 90 -16.26 2.45 -13.84
N LYS A 91 -16.38 3.53 -14.61
CA LYS A 91 -15.88 3.58 -15.96
C LYS A 91 -14.37 3.36 -16.01
N LEU A 92 -13.65 3.97 -15.08
CA LEU A 92 -12.20 3.83 -15.01
C LEU A 92 -11.82 2.39 -14.71
N ALA A 93 -12.58 1.75 -13.83
CA ALA A 93 -12.39 0.32 -13.56
C ALA A 93 -12.57 -0.54 -14.83
N ASP A 94 -13.59 -0.23 -15.63
CA ASP A 94 -13.84 -0.96 -16.88
C ASP A 94 -12.65 -0.83 -17.84
N LEU A 95 -12.09 0.37 -17.89
CA LEU A 95 -10.93 0.65 -18.76
C LEU A 95 -9.67 -0.09 -18.30
N ILE A 96 -9.43 -0.12 -17.00
CA ILE A 96 -8.32 -0.89 -16.43
C ILE A 96 -8.50 -2.39 -16.71
N GLU A 97 -9.74 -2.86 -16.62
CA GLU A 97 -10.05 -4.25 -16.99
C GLU A 97 -9.78 -4.50 -18.48
N ARG A 98 -10.17 -3.54 -19.34
CA ARG A 98 -9.84 -3.64 -20.77
C ARG A 98 -8.33 -3.76 -21.00
N ASP A 99 -7.55 -2.98 -20.25
CA ASP A 99 -6.11 -2.96 -20.40
C ASP A 99 -5.38 -3.83 -19.38
N ARG A 100 -6.04 -4.90 -18.93
CA ARG A 100 -5.53 -5.76 -17.87
C ARG A 100 -4.21 -6.43 -18.26
N LEU A 101 -4.15 -6.96 -19.48
CA LEU A 101 -2.94 -7.62 -19.98
C LEU A 101 -1.77 -6.66 -20.07
N LEU A 102 -2.00 -5.51 -20.69
CA LEU A 102 -1.01 -4.45 -20.80
C LEU A 102 -0.50 -3.99 -19.44
N LEU A 103 -1.44 -3.74 -18.52
CA LEU A 103 -1.07 -3.20 -17.22
C LEU A 103 -0.32 -4.21 -16.34
N ALA A 104 -0.78 -5.46 -16.34
CA ALA A 104 -0.11 -6.52 -15.59
C ALA A 104 1.33 -6.77 -16.10
N THR A 105 1.51 -6.71 -17.42
CA THR A 105 2.83 -6.92 -18.05
C THR A 105 3.78 -5.77 -17.69
N MET A 106 3.28 -4.55 -17.82
CA MET A 106 4.04 -3.35 -17.47
C MET A 106 4.37 -3.37 -15.97
N GLU A 107 3.41 -3.77 -15.15
CA GLU A 107 3.58 -3.91 -13.70
C GLU A 107 4.66 -4.94 -13.38
N SER A 108 4.57 -6.11 -14.03
CA SER A 108 5.56 -7.17 -13.87
C SER A 108 6.97 -6.71 -14.27
N MET A 109 7.05 -6.03 -15.41
CA MET A 109 8.33 -5.63 -16.01
C MET A 109 9.04 -4.51 -15.26
N ASN A 110 8.29 -3.49 -14.87
CA ASN A 110 8.84 -2.33 -14.15
C ASN A 110 9.03 -2.64 -12.65
N GLY A 111 8.15 -3.45 -12.08
CA GLY A 111 8.09 -3.67 -10.63
C GLY A 111 8.79 -4.90 -10.10
N GLY A 112 9.31 -5.75 -11.00
CA GLY A 112 9.95 -7.00 -10.62
C GLY A 112 8.97 -7.99 -10.03
N LYS A 113 7.72 -7.94 -10.48
CA LYS A 113 6.60 -8.62 -9.85
C LYS A 113 6.16 -9.79 -10.72
N LEU A 114 6.01 -10.98 -10.13
CA LEU A 114 5.60 -12.18 -10.89
C LEU A 114 4.35 -11.91 -11.71
N TYR A 115 4.38 -12.24 -13.00
CA TYR A 115 3.29 -11.90 -13.90
C TYR A 115 1.97 -12.54 -13.47
N SER A 116 2.03 -13.81 -13.07
CA SER A 116 0.86 -14.55 -12.61
C SER A 116 0.13 -13.77 -11.50
N ASN A 117 0.93 -13.26 -10.56
CA ASN A 117 0.44 -12.54 -9.40
C ASN A 117 -0.07 -11.18 -9.86
N ALA A 118 0.73 -10.48 -10.68
CA ALA A 118 0.33 -9.20 -11.25
C ALA A 118 -1.02 -9.29 -11.93
N TYR A 119 -1.19 -10.28 -12.80
CA TYR A 119 -2.43 -10.42 -13.55
C TYR A 119 -3.61 -10.88 -12.67
N LEU A 120 -3.42 -11.95 -11.90
CA LEU A 120 -4.51 -12.59 -11.13
C LEU A 120 -4.85 -11.90 -9.80
N SER A 121 -3.87 -11.26 -9.17
CA SER A 121 -4.07 -10.67 -7.84
C SER A 121 -4.07 -9.15 -7.90
N ASP A 122 -2.95 -8.55 -8.31
CA ASP A 122 -2.83 -7.08 -8.28
C ASP A 122 -3.91 -6.41 -9.10
N LEU A 123 -4.07 -6.87 -10.34
CA LEU A 123 -5.07 -6.26 -11.22
C LEU A 123 -6.51 -6.58 -10.84
N ALA A 124 -6.75 -7.81 -10.39
CA ALA A 124 -8.06 -8.16 -9.82
C ALA A 124 -8.43 -7.24 -8.65
N GLY A 125 -7.49 -7.04 -7.73
CA GLY A 125 -7.74 -6.20 -6.56
C GLY A 125 -7.90 -4.73 -6.89
N CYS A 126 -7.11 -4.26 -7.84
CA CYS A 126 -7.19 -2.90 -8.33
CA CYS A 126 -7.22 -2.81 -8.36
C CYS A 126 -8.58 -2.57 -8.93
N ILE A 127 -9.06 -3.44 -9.82
CA ILE A 127 -10.39 -3.29 -10.43
C ILE A 127 -11.51 -3.38 -9.38
N LYS A 128 -11.48 -4.42 -8.55
CA LYS A 128 -12.46 -4.60 -7.48
C LYS A 128 -12.51 -3.47 -6.46
N THR A 129 -11.34 -2.92 -6.11
CA THR A 129 -11.26 -1.84 -5.13
C THR A 129 -11.82 -0.55 -5.73
N LEU A 130 -11.54 -0.28 -7.01
CA LEU A 130 -12.16 0.84 -7.70
C LEU A 130 -13.67 0.73 -7.75
N ARG A 131 -14.14 -0.43 -8.10
CA ARG A 131 -15.58 -0.65 -8.16
C ARG A 131 -16.22 -0.47 -6.74
N TYR A 132 -15.53 -0.99 -5.72
CA TYR A 132 -15.97 -0.75 -4.33
C TYR A 132 -16.09 0.72 -4.01
N CYS A 133 -15.06 1.49 -4.31
CA CYS A 133 -15.04 2.94 -4.04
C CYS A 133 -16.10 3.72 -4.82
N ALA A 134 -16.28 3.36 -6.09
CA ALA A 134 -17.34 3.93 -6.90
C ALA A 134 -18.69 3.83 -6.20
N GLY A 135 -18.96 2.69 -5.56
CA GLY A 135 -20.23 2.47 -4.88
C GLY A 135 -20.49 3.43 -3.72
N TRP A 136 -19.42 3.88 -3.06
CA TRP A 136 -19.54 4.81 -1.92
C TRP A 136 -19.86 6.25 -2.28
N ALA A 137 -19.55 6.68 -3.51
CA ALA A 137 -19.60 8.10 -3.87
C ALA A 137 -20.88 8.86 -3.45
N ASP A 138 -22.04 8.27 -3.71
CA ASP A 138 -23.33 8.88 -3.43
C ASP A 138 -23.98 8.31 -2.14
N LYS A 139 -23.13 7.70 -1.32
CA LYS A 139 -23.52 7.16 -0.01
C LYS A 139 -22.69 7.78 1.12
N ILE A 140 -21.87 8.81 0.83
CA ILE A 140 -21.20 9.64 1.84
C ILE A 140 -22.26 10.66 2.32
N GLN A 141 -22.59 10.59 3.61
CA GLN A 141 -23.68 11.34 4.19
C GLN A 141 -23.24 11.99 5.49
N GLY A 142 -23.78 13.19 5.74
CA GLY A 142 -23.70 13.81 7.04
C GLY A 142 -24.88 13.45 7.91
N ARG A 143 -25.18 14.33 8.86
CA ARG A 143 -26.21 14.07 9.87
C ARG A 143 -27.09 15.27 10.08
N THR A 144 -28.27 15.02 10.65
CA THR A 144 -29.08 16.06 11.25
C THR A 144 -29.06 15.73 12.74
N ILE A 145 -28.86 16.75 13.56
CA ILE A 145 -28.47 16.57 14.93
C ILE A 145 -29.41 17.34 15.88
N PRO A 146 -29.95 16.66 16.91
CA PRO A 146 -30.85 17.32 17.86
C PRO A 146 -30.11 18.11 18.94
N ILE A 147 -29.44 19.17 18.49
CA ILE A 147 -28.73 20.15 19.34
C ILE A 147 -29.64 20.74 20.43
N ASP A 148 -29.04 21.13 21.55
CA ASP A 148 -29.76 21.93 22.54
C ASP A 148 -30.19 23.28 21.94
N GLY A 149 -31.34 23.77 22.38
CA GLY A 149 -31.86 25.06 21.96
C GLY A 149 -32.64 25.03 20.65
N ASN A 150 -33.15 26.19 20.27
CA ASN A 150 -34.00 26.32 19.09
C ASN A 150 -33.16 26.60 17.84
N PHE A 151 -32.63 25.49 17.32
CA PHE A 151 -31.71 25.47 16.18
C PHE A 151 -31.96 24.21 15.36
N PHE A 152 -31.76 24.36 14.04
CA PHE A 152 -31.66 23.24 13.11
C PHE A 152 -30.18 23.08 12.81
N THR A 153 -29.63 21.92 13.16
CA THR A 153 -28.22 21.63 12.92
C THR A 153 -28.04 20.43 12.01
N TYR A 154 -27.24 20.64 10.96
CA TYR A 154 -26.85 19.55 10.09
C TYR A 154 -25.36 19.55 9.83
N THR A 155 -24.84 18.42 9.36
CA THR A 155 -23.43 18.41 8.96
C THR A 155 -23.29 18.03 7.51
N ARG A 156 -22.24 18.57 6.89
CA ARG A 156 -21.83 18.22 5.53
C ARG A 156 -20.51 17.50 5.64
N HIS A 157 -20.44 16.31 5.07
CA HIS A 157 -19.15 15.60 4.96
C HIS A 157 -18.58 15.96 3.61
N GLU A 158 -17.94 17.12 3.58
CA GLU A 158 -17.34 17.67 2.37
C GLU A 158 -16.05 16.95 1.99
N PRO A 159 -15.67 17.00 0.69
CA PRO A 159 -14.27 16.66 0.38
C PRO A 159 -13.31 17.62 1.09
N ILE A 160 -12.10 17.17 1.40
CA ILE A 160 -11.13 18.03 2.08
C ILE A 160 -10.60 19.08 1.09
N GLY A 161 -10.25 18.63 -0.11
CA GLY A 161 -9.70 19.50 -1.14
C GLY A 161 -8.59 18.83 -1.95
N VAL A 162 -7.44 19.48 -2.00
CA VAL A 162 -6.32 19.00 -2.78
C VAL A 162 -5.55 18.04 -1.88
N CYS A 163 -5.50 16.78 -2.32
CA CYS A 163 -4.83 15.71 -1.61
C CYS A 163 -3.57 15.25 -2.33
N GLY A 164 -2.42 15.44 -1.70
CA GLY A 164 -1.15 14.90 -2.19
C GLY A 164 -0.99 13.44 -1.81
N GLN A 165 -0.63 12.59 -2.77
CA GLN A 165 -0.66 11.14 -2.55
C GLN A 165 0.61 10.52 -3.11
N ILE A 166 1.45 10.02 -2.20
CA ILE A 166 2.76 9.47 -2.53
C ILE A 166 2.67 7.95 -2.47
N ILE A 167 2.89 7.30 -3.62
CA ILE A 167 2.63 5.89 -3.83
C ILE A 167 3.96 5.11 -3.76
N PRO A 168 3.96 3.92 -3.11
CA PRO A 168 5.16 3.10 -3.02
C PRO A 168 5.38 2.25 -4.26
N TRP A 169 6.51 1.55 -4.28
CA TRP A 169 6.91 0.77 -5.46
C TRP A 169 6.50 -0.70 -5.39
N ASN A 170 6.18 -1.20 -4.20
CA ASN A 170 5.90 -2.63 -4.03
C ASN A 170 4.59 -3.09 -4.70
N PHE A 171 3.57 -2.24 -4.69
CA PHE A 171 2.28 -2.53 -5.35
C PHE A 171 1.81 -1.26 -6.04
N PRO A 172 2.40 -0.94 -7.21
CA PRO A 172 2.13 0.40 -7.73
C PRO A 172 0.69 0.68 -8.18
N LEU A 173 0.06 -0.27 -8.87
CA LEU A 173 -1.32 -0.08 -9.33
C LEU A 173 -2.31 -0.17 -8.19
N VAL A 174 -2.11 -1.18 -7.35
CA VAL A 174 -3.02 -1.38 -6.22
C VAL A 174 -3.02 -0.17 -5.31
N MET A 175 -1.83 0.31 -4.92
CA MET A 175 -1.70 1.46 -4.02
C MET A 175 -2.15 2.77 -4.65
N LEU A 176 -1.92 2.92 -5.97
CA LEU A 176 -2.50 4.05 -6.71
C LEU A 176 -4.01 4.08 -6.52
N ILE A 177 -4.67 2.94 -6.73
CA ILE A 177 -6.14 2.84 -6.58
C ILE A 177 -6.62 2.97 -5.12
N TRP A 178 -5.89 2.41 -4.16
CA TRP A 178 -6.22 2.65 -2.72
C TRP A 178 -6.26 4.14 -2.38
N LYS A 179 -5.30 4.88 -2.93
CA LYS A 179 -5.28 6.34 -2.82
C LYS A 179 -6.37 7.05 -3.61
N ILE A 180 -6.37 6.96 -4.94
CA ILE A 180 -7.29 7.81 -5.72
C ILE A 180 -8.76 7.40 -5.61
N GLY A 181 -9.04 6.12 -5.36
CA GLY A 181 -10.40 5.61 -5.35
C GLY A 181 -11.26 6.29 -4.30
N PRO A 182 -10.85 6.22 -3.02
CA PRO A 182 -11.57 6.92 -1.95
C PRO A 182 -11.52 8.44 -2.06
N ALA A 183 -10.34 8.97 -2.39
CA ALA A 183 -10.17 10.41 -2.54
C ALA A 183 -11.15 10.96 -3.57
N LEU A 184 -11.23 10.32 -4.73
CA LEU A 184 -12.15 10.78 -5.79
C LEU A 184 -13.63 10.52 -5.49
N SER A 185 -13.92 9.37 -4.87
CA SER A 185 -15.29 9.03 -4.48
C SER A 185 -15.86 10.13 -3.58
N CYS A 186 -15.04 10.65 -2.68
CA CYS A 186 -15.44 11.69 -1.73
C CYS A 186 -15.44 13.11 -2.28
N GLY A 187 -14.87 13.32 -3.48
CA GLY A 187 -14.93 14.60 -4.17
C GLY A 187 -13.69 15.45 -4.17
N ASN A 188 -12.58 14.85 -3.73
CA ASN A 188 -11.29 15.53 -3.66
C ASN A 188 -10.66 15.58 -5.03
N THR A 189 -9.68 16.47 -5.16
CA THR A 189 -8.76 16.47 -6.28
C THR A 189 -7.41 16.00 -5.74
N VAL A 190 -6.59 15.46 -6.62
CA VAL A 190 -5.37 14.77 -6.20
C VAL A 190 -4.16 15.13 -7.06
N VAL A 191 -3.01 15.17 -6.39
CA VAL A 191 -1.70 15.29 -7.00
C VAL A 191 -0.95 14.04 -6.54
N VAL A 192 -0.73 13.10 -7.46
CA VAL A 192 -0.12 11.81 -7.16
C VAL A 192 1.35 11.82 -7.52
N LYS A 193 2.20 11.30 -6.65
CA LYS A 193 3.61 11.15 -6.96
C LYS A 193 3.94 9.67 -6.86
N PRO A 194 3.89 8.96 -8.00
CA PRO A 194 4.23 7.53 -7.92
C PRO A 194 5.70 7.34 -7.62
N ALA A 195 6.07 6.14 -7.19
CA ALA A 195 7.45 5.84 -6.85
C ALA A 195 8.41 6.08 -8.03
N GLU A 196 9.59 6.62 -7.74
CA GLU A 196 10.61 6.81 -8.77
C GLU A 196 10.95 5.51 -9.50
N GLN A 197 10.89 4.39 -8.78
CA GLN A 197 11.17 3.08 -9.36
C GLN A 197 10.08 2.64 -10.33
N THR A 198 8.82 3.03 -10.05
CA THR A 198 7.67 2.47 -10.74
C THR A 198 6.64 3.54 -11.13
N PRO A 199 7.06 4.50 -11.97
CA PRO A 199 6.12 5.52 -12.44
C PRO A 199 5.18 5.06 -13.56
N LEU A 200 5.49 3.95 -14.24
CA LEU A 200 4.93 3.70 -15.58
C LEU A 200 3.44 3.32 -15.60
N THR A 201 3.03 2.40 -14.72
CA THR A 201 1.63 1.99 -14.71
C THR A 201 0.71 3.12 -14.28
N ALA A 202 1.19 4.02 -13.42
CA ALA A 202 0.40 5.19 -13.01
C ALA A 202 0.15 6.11 -14.20
N LEU A 203 1.18 6.32 -15.02
CA LEU A 203 1.05 7.15 -16.20
C LEU A 203 0.09 6.55 -17.24
N HIS A 204 0.06 5.22 -17.37
CA HIS A 204 -0.98 4.61 -18.19
C HIS A 204 -2.38 4.86 -17.62
N VAL A 205 -2.50 4.75 -16.30
CA VAL A 205 -3.78 5.00 -15.63
C VAL A 205 -4.25 6.43 -15.90
N ALA A 206 -3.32 7.39 -15.86
CA ALA A 206 -3.65 8.78 -16.20
C ALA A 206 -4.29 8.93 -17.58
N SER A 207 -3.69 8.26 -18.59
CA SER A 207 -4.30 8.22 -19.93
C SER A 207 -5.75 7.73 -19.88
N LEU A 208 -6.01 6.72 -19.05
CA LEU A 208 -7.38 6.18 -18.85
C LEU A 208 -8.36 7.08 -18.08
N ILE A 209 -7.82 7.88 -17.17
CA ILE A 209 -8.59 8.90 -16.47
C ILE A 209 -9.09 9.94 -17.46
N LYS A 210 -8.21 10.36 -18.36
CA LYS A 210 -8.60 11.22 -19.45
C LYS A 210 -9.67 10.59 -20.34
N GLU A 211 -9.43 9.35 -20.77
CA GLU A 211 -10.39 8.61 -21.57
C GLU A 211 -11.77 8.49 -20.92
N ALA A 212 -11.80 8.21 -19.61
CA ALA A 212 -13.05 8.06 -18.84
C ALA A 212 -13.88 9.34 -18.74
N GLY A 213 -13.23 10.49 -18.90
CA GLY A 213 -13.93 11.77 -18.89
C GLY A 213 -13.91 12.54 -17.57
N PHE A 214 -12.97 12.23 -16.68
CA PHE A 214 -12.76 13.04 -15.47
C PHE A 214 -12.47 14.48 -15.86
N PRO A 215 -13.06 15.46 -15.12
CA PRO A 215 -12.73 16.85 -15.47
C PRO A 215 -11.23 17.10 -15.32
N PRO A 216 -10.66 18.00 -16.14
CA PRO A 216 -9.24 18.30 -15.98
C PRO A 216 -8.90 18.88 -14.62
N GLY A 217 -7.77 18.43 -14.09
CA GLY A 217 -7.26 18.91 -12.82
C GLY A 217 -7.74 18.06 -11.65
N VAL A 218 -8.66 17.13 -11.88
CA VAL A 218 -9.15 16.25 -10.81
C VAL A 218 -8.07 15.23 -10.44
N VAL A 219 -7.36 14.69 -11.43
CA VAL A 219 -6.18 13.85 -11.14
C VAL A 219 -4.96 14.36 -11.91
N ASN A 220 -3.89 14.63 -11.17
CA ASN A 220 -2.64 15.08 -11.74
C ASN A 220 -1.57 14.12 -11.23
N ILE A 221 -0.74 13.60 -12.13
CA ILE A 221 0.30 12.64 -11.74
C ILE A 221 1.67 13.21 -12.08
N VAL A 222 2.52 13.32 -11.05
CA VAL A 222 3.84 13.93 -11.20
C VAL A 222 4.91 12.91 -10.80
N PRO A 223 5.48 12.18 -11.80
CA PRO A 223 6.59 11.28 -11.47
C PRO A 223 7.83 12.07 -11.08
N GLY A 224 8.72 11.41 -10.33
CA GLY A 224 9.95 12.02 -9.85
C GLY A 224 10.46 11.33 -8.60
N TYR A 225 11.50 11.92 -8.00
CA TYR A 225 12.10 11.37 -6.77
C TYR A 225 11.39 11.81 -5.49
N GLY A 226 11.67 11.09 -4.40
CA GLY A 226 11.03 11.33 -3.10
C GLY A 226 11.50 12.63 -2.46
N PRO A 227 12.81 12.77 -2.21
CA PRO A 227 13.36 13.98 -1.61
C PRO A 227 13.08 15.29 -2.37
N THR A 228 12.75 15.22 -3.66
CA THR A 228 12.44 16.40 -4.46
C THR A 228 10.92 16.66 -4.60
N ALA A 229 10.23 15.81 -5.36
CA ALA A 229 8.79 15.96 -5.59
C ALA A 229 7.96 15.58 -4.36
N GLY A 230 8.36 14.53 -3.64
CA GLY A 230 7.68 14.09 -2.43
C GLY A 230 7.76 15.10 -1.30
N ALA A 231 8.91 15.77 -1.18
CA ALA A 231 9.11 16.83 -0.18
C ALA A 231 8.31 18.07 -0.54
N ALA A 232 8.24 18.40 -1.83
CA ALA A 232 7.47 19.53 -2.33
C ALA A 232 5.99 19.36 -2.00
N ILE A 233 5.48 18.14 -2.14
CA ILE A 233 4.10 17.79 -1.74
C ILE A 233 3.90 17.94 -0.22
N SER A 234 4.81 17.37 0.57
CA SER A 234 4.64 17.33 2.03
C SER A 234 4.74 18.71 2.68
N SER A 235 5.47 19.62 2.05
CA SER A 235 5.66 20.98 2.57
C SER A 235 4.85 22.07 1.84
N HIS A 236 4.03 21.69 0.85
CA HIS A 236 3.25 22.66 0.09
C HIS A 236 2.21 23.38 0.96
N MET A 237 2.07 24.70 0.76
CA MET A 237 1.18 25.54 1.59
C MET A 237 -0.29 25.55 1.16
N ASP A 238 -0.58 24.97 -0.01
CA ASP A 238 -1.93 24.85 -0.55
C ASP A 238 -2.40 23.41 -0.83
N ILE A 239 -1.67 22.42 -0.30
CA ILE A 239 -2.13 21.03 -0.30
C ILE A 239 -2.81 20.81 1.06
N ASP A 240 -4.06 20.36 1.04
CA ASP A 240 -4.87 20.22 2.26
C ASP A 240 -4.55 18.93 3.06
N LYS A 241 -4.23 17.87 2.34
CA LYS A 241 -3.93 16.58 2.96
C LYS A 241 -2.83 15.85 2.18
N VAL A 242 -1.99 15.12 2.91
CA VAL A 242 -1.00 14.20 2.31
C VAL A 242 -1.26 12.77 2.81
N ALA A 243 -1.26 11.81 1.88
CA ALA A 243 -1.34 10.38 2.20
C ALA A 243 -0.08 9.73 1.67
N PHE A 244 0.52 8.88 2.48
CA PHE A 244 1.82 8.29 2.15
C PHE A 244 1.82 6.84 2.59
N THR A 245 2.38 5.99 1.74
CA THR A 245 2.70 4.62 2.11
C THR A 245 4.17 4.39 1.82
N GLY A 246 4.88 3.83 2.79
CA GLY A 246 6.31 3.57 2.65
C GLY A 246 6.96 3.27 3.98
N SER A 247 8.24 3.64 4.09
CA SER A 247 9.03 3.38 5.30
C SER A 247 8.56 4.27 6.44
N THR A 248 8.75 3.79 7.67
CA THR A 248 8.51 4.60 8.89
C THR A 248 9.43 5.81 8.97
N GLU A 249 10.65 5.69 8.47
CA GLU A 249 11.60 6.81 8.44
C GLU A 249 11.09 8.03 7.67
N VAL A 250 10.63 7.78 6.44
CA VAL A 250 10.09 8.84 5.57
C VAL A 250 8.75 9.35 6.12
N GLY A 251 7.95 8.44 6.69
CA GLY A 251 6.72 8.79 7.39
C GLY A 251 6.89 9.89 8.44
N LYS A 252 7.98 9.82 9.20
CA LYS A 252 8.30 10.83 10.21
C LYS A 252 8.67 12.19 9.59
N LEU A 253 9.34 12.16 8.44
CA LEU A 253 9.67 13.38 7.71
C LEU A 253 8.41 14.02 7.10
N ILE A 254 7.47 13.21 6.61
CA ILE A 254 6.19 13.72 6.08
C ILE A 254 5.45 14.46 7.18
N LYS A 255 5.17 13.75 8.27
CA LYS A 255 4.41 14.30 9.41
C LYS A 255 5.05 15.55 10.01
N GLU A 256 6.37 15.59 10.05
CA GLU A 256 7.11 16.76 10.53
C GLU A 256 6.91 17.98 9.61
N ALA A 257 7.13 17.77 8.30
CA ALA A 257 7.01 18.85 7.30
C ALA A 257 5.59 19.44 7.17
N ALA A 258 4.57 18.60 7.35
CA ALA A 258 3.17 19.05 7.39
C ALA A 258 2.94 20.02 8.55
N GLY A 259 3.39 19.63 9.74
CA GLY A 259 3.40 20.49 10.92
C GLY A 259 4.12 21.81 10.70
N LYS A 260 5.28 21.75 10.05
CA LYS A 260 6.08 22.95 9.75
C LYS A 260 5.48 23.90 8.72
N SER A 261 4.76 23.36 7.74
CA SER A 261 4.23 24.16 6.64
C SER A 261 2.84 24.72 6.97
N ASN A 262 1.78 23.94 6.70
CA ASN A 262 0.40 24.44 6.76
C ASN A 262 -0.55 23.56 7.60
N LEU A 263 0.02 22.73 8.46
CA LEU A 263 -0.74 21.78 9.27
C LEU A 263 -1.71 20.92 8.46
N LYS A 264 -1.28 20.54 7.26
CA LYS A 264 -2.10 19.68 6.39
C LYS A 264 -2.39 18.36 7.08
N ARG A 265 -3.55 17.79 6.76
CA ARG A 265 -3.95 16.49 7.32
C ARG A 265 -2.98 15.43 6.78
N VAL A 266 -2.69 14.43 7.62
CA VAL A 266 -1.70 13.40 7.29
C VAL A 266 -2.27 12.02 7.64
N THR A 267 -2.17 11.08 6.69
CA THR A 267 -2.40 9.67 6.97
C THR A 267 -1.22 8.91 6.40
N LEU A 268 -0.70 7.97 7.20
CA LEU A 268 0.48 7.19 6.84
C LEU A 268 0.19 5.70 6.97
N GLU A 269 0.64 4.92 5.98
CA GLU A 269 0.72 3.46 6.10
CA GLU A 269 0.72 3.46 6.10
C GLU A 269 2.19 3.11 5.99
N LEU A 270 2.77 2.63 7.07
CA LEU A 270 4.20 2.50 7.17
C LEU A 270 4.57 1.03 7.28
N GLY A 271 5.83 0.75 7.61
CA GLY A 271 6.28 -0.62 7.73
C GLY A 271 5.67 -1.43 8.86
N GLY A 272 6.16 -2.64 8.99
CA GLY A 272 5.80 -3.49 10.08
C GLY A 272 6.91 -4.43 10.45
N LYS A 273 6.68 -5.10 11.57
CA LYS A 273 7.45 -6.24 11.98
C LYS A 273 6.43 -7.21 12.55
N SER A 274 5.54 -7.66 11.67
CA SER A 274 4.28 -8.28 12.08
C SER A 274 4.49 -9.69 12.60
N PRO A 275 3.94 -9.99 13.79
CA PRO A 275 4.13 -11.31 14.39
C PRO A 275 2.98 -12.29 14.11
N CYS A 276 3.31 -13.57 14.07
CA CYS A 276 2.33 -14.65 14.12
C CYS A 276 2.56 -15.47 15.38
N ILE A 277 1.48 -15.86 16.04
CA ILE A 277 1.52 -16.74 17.21
C ILE A 277 0.82 -18.03 16.78
N VAL A 278 1.57 -19.13 16.82
CA VAL A 278 1.07 -20.42 16.38
C VAL A 278 0.95 -21.34 17.60
N LEU A 279 -0.28 -21.61 18.02
CA LEU A 279 -0.55 -22.44 19.20
C LEU A 279 -0.42 -23.91 18.86
N ALA A 280 -0.13 -24.71 19.89
CA ALA A 280 0.09 -26.16 19.75
C ALA A 280 -1.09 -26.90 19.12
N ASP A 281 -2.30 -26.39 19.35
CA ASP A 281 -3.53 -26.98 18.80
C ASP A 281 -3.85 -26.57 17.36
N ALA A 282 -3.01 -25.73 16.75
CA ALA A 282 -3.29 -25.22 15.41
C ALA A 282 -3.24 -26.30 14.36
N ASP A 283 -4.01 -26.09 13.29
CA ASP A 283 -3.87 -26.88 12.07
C ASP A 283 -2.47 -26.56 11.55
N LEU A 284 -1.57 -27.53 11.65
CA LEU A 284 -0.14 -27.27 11.47
C LEU A 284 0.29 -26.84 10.07
N ASP A 285 -0.12 -27.58 9.03
N ASP A 285 -0.14 -27.60 9.06
CA ASP A 285 0.27 -27.22 7.66
CA ASP A 285 0.15 -27.31 7.66
C ASP A 285 -0.47 -25.99 7.11
C ASP A 285 -0.45 -25.98 7.19
N ASN A 286 -1.70 -25.73 7.59
CA ASN A 286 -2.36 -24.45 7.31
C ASN A 286 -1.54 -23.28 7.87
N ALA A 287 -1.10 -23.43 9.12
CA ALA A 287 -0.27 -22.43 9.76
C ALA A 287 1.09 -22.29 9.06
N VAL A 288 1.69 -23.41 8.66
CA VAL A 288 2.95 -23.36 7.90
C VAL A 288 2.75 -22.61 6.57
N GLU A 289 1.69 -22.97 5.84
CA GLU A 289 1.50 -22.46 4.48
C GLU A 289 1.19 -20.96 4.53
N PHE A 290 0.33 -20.53 5.45
CA PHE A 290 -0.03 -19.11 5.53
C PHE A 290 1.11 -18.26 6.08
N ALA A 291 1.77 -18.72 7.13
CA ALA A 291 2.96 -18.03 7.66
C ALA A 291 4.07 -17.92 6.59
N HIS A 292 4.23 -18.99 5.80
CA HIS A 292 5.18 -18.98 4.68
C HIS A 292 4.87 -17.90 3.65
N HIS A 293 3.66 -17.95 3.10
CA HIS A 293 3.20 -16.92 2.14
C HIS A 293 3.11 -15.56 2.79
N GLY A 294 2.83 -15.54 4.09
CA GLY A 294 2.81 -14.34 4.88
C GLY A 294 4.09 -13.53 4.88
N VAL A 295 5.23 -14.22 4.88
CA VAL A 295 6.53 -13.56 4.88
C VAL A 295 7.17 -13.46 3.48
N PHE A 296 6.95 -14.47 2.60
CA PHE A 296 7.65 -14.52 1.29
C PHE A 296 6.92 -13.87 0.11
N TYR A 297 5.65 -13.48 0.29
CA TYR A 297 4.88 -12.92 -0.83
C TYR A 297 5.58 -11.70 -1.43
N HIS A 298 5.57 -11.64 -2.77
CA HIS A 298 6.23 -10.58 -3.53
C HIS A 298 7.68 -10.27 -3.03
N GLN A 299 8.47 -11.33 -2.91
CA GLN A 299 9.87 -11.23 -2.50
C GLN A 299 10.03 -10.57 -1.11
N GLY A 300 9.05 -10.78 -0.23
CA GLY A 300 9.03 -10.15 1.09
C GLY A 300 8.72 -8.65 1.13
N GLN A 301 8.35 -8.07 -0.01
CA GLN A 301 8.23 -6.61 -0.10
C GLN A 301 6.79 -6.21 0.18
N CYS A 302 6.29 -6.64 1.34
CA CYS A 302 4.97 -6.31 1.80
C CYS A 302 5.14 -5.69 3.17
N CYS A 303 4.44 -4.58 3.41
CA CYS A 303 4.46 -3.92 4.72
C CYS A 303 3.96 -4.86 5.83
N ILE A 304 3.05 -5.77 5.49
CA ILE A 304 2.51 -6.76 6.42
C ILE A 304 3.34 -8.04 6.58
N ALA A 305 4.54 -8.11 5.99
CA ALA A 305 5.37 -9.32 6.06
C ALA A 305 5.32 -9.95 7.46
N ALA A 306 4.92 -11.22 7.52
CA ALA A 306 4.86 -12.00 8.76
C ALA A 306 6.27 -12.38 9.20
N SER A 307 7.01 -11.36 9.64
CA SER A 307 8.46 -11.44 9.80
C SER A 307 8.92 -11.87 11.18
N ARG A 308 7.98 -12.23 12.06
CA ARG A 308 8.29 -12.95 13.29
C ARG A 308 7.23 -14.02 13.55
N ILE A 309 7.63 -15.30 13.44
CA ILE A 309 6.70 -16.40 13.63
C ILE A 309 7.05 -17.11 14.93
N PHE A 310 6.21 -16.91 15.95
CA PHE A 310 6.38 -17.54 17.27
C PHE A 310 5.60 -18.85 17.30
N VAL A 311 6.26 -19.96 17.58
CA VAL A 311 5.60 -21.27 17.53
C VAL A 311 5.80 -21.97 18.87
N GLU A 312 4.70 -22.50 19.43
CA GLU A 312 4.74 -23.20 20.72
C GLU A 312 5.77 -24.33 20.64
N GLU A 313 6.53 -24.52 21.72
CA GLU A 313 7.68 -25.43 21.78
C GLU A 313 7.45 -26.82 21.24
N SER A 314 6.35 -27.44 21.64
CA SER A 314 6.07 -28.84 21.30
C SER A 314 5.82 -29.09 19.80
N ILE A 315 5.48 -28.05 19.05
CA ILE A 315 5.33 -28.14 17.58
C ILE A 315 6.37 -27.32 16.78
N TYR A 316 7.32 -26.69 17.48
CA TYR A 316 8.34 -25.83 16.88
C TYR A 316 9.23 -26.52 15.84
N ASP A 317 9.80 -27.67 16.20
CA ASP A 317 10.71 -28.41 15.29
C ASP A 317 10.01 -28.83 14.00
N GLU A 318 8.83 -29.42 14.14
CA GLU A 318 8.03 -29.83 13.01
C GLU A 318 7.64 -28.63 12.13
N PHE A 319 7.33 -27.50 12.76
CA PHE A 319 6.99 -26.27 12.04
C PHE A 319 8.18 -25.75 11.24
N VAL A 320 9.35 -25.69 11.90
CA VAL A 320 10.58 -25.21 11.26
C VAL A 320 10.93 -26.10 10.06
N ARG A 321 10.92 -27.42 10.26
CA ARG A 321 11.19 -28.38 9.19
C ARG A 321 10.29 -28.17 7.97
N ARG A 322 8.98 -28.23 8.22
CA ARG A 322 7.96 -28.08 7.16
C ARG A 322 8.09 -26.74 6.44
N SER A 323 8.36 -25.68 7.20
CA SER A 323 8.61 -24.35 6.64
C SER A 323 9.81 -24.38 5.69
N VAL A 324 10.93 -24.94 6.15
CA VAL A 324 12.16 -24.99 5.36
C VAL A 324 11.96 -25.72 4.03
N GLU A 325 11.24 -26.84 4.04
CA GLU A 325 10.96 -27.59 2.79
C GLU A 325 10.08 -26.84 1.81
N ARG A 326 9.18 -26.01 2.34
CA ARG A 326 8.37 -25.12 1.52
C ARG A 326 9.23 -24.02 0.89
N ALA A 327 10.16 -23.45 1.67
CA ALA A 327 11.06 -22.40 1.17
C ALA A 327 12.03 -22.89 0.08
N LYS A 328 12.33 -24.19 0.07
CA LYS A 328 13.26 -24.77 -0.90
C LYS A 328 12.63 -25.07 -2.28
N LYS A 329 11.33 -24.84 -2.44
CA LYS A 329 10.63 -25.17 -3.69
C LYS A 329 10.66 -24.09 -4.79
N TYR A 330 11.26 -22.93 -4.53
CA TYR A 330 11.19 -21.81 -5.47
C TYR A 330 12.10 -21.89 -6.69
N ILE A 331 11.62 -21.25 -7.75
CA ILE A 331 12.36 -21.06 -8.99
C ILE A 331 12.53 -19.55 -9.20
N LEU A 332 13.79 -19.11 -9.21
CA LEU A 332 14.13 -17.70 -9.40
C LEU A 332 14.30 -17.36 -10.87
N GLY A 333 13.96 -16.13 -11.24
CA GLY A 333 14.22 -15.65 -12.60
C GLY A 333 13.39 -14.45 -13.02
N ASN A 334 13.34 -14.23 -14.33
CA ASN A 334 12.57 -13.14 -14.89
C ASN A 334 11.09 -13.34 -14.54
N PRO A 335 10.45 -12.37 -13.87
CA PRO A 335 9.04 -12.58 -13.47
C PRO A 335 8.01 -12.72 -14.62
N LEU A 336 8.41 -12.41 -15.86
CA LEU A 336 7.58 -12.63 -17.05
C LEU A 336 7.58 -14.09 -17.58
N THR A 337 8.58 -14.88 -17.24
CA THR A 337 8.69 -16.26 -17.72
C THR A 337 7.78 -17.23 -16.94
N PRO A 338 6.95 -18.04 -17.63
CA PRO A 338 6.04 -18.95 -16.88
C PRO A 338 6.77 -20.07 -16.11
N GLY A 339 6.19 -20.47 -14.99
CA GLY A 339 6.82 -21.41 -14.07
C GLY A 339 7.76 -20.77 -13.04
N VAL A 340 8.23 -19.54 -13.31
CA VAL A 340 9.04 -18.81 -12.34
C VAL A 340 8.18 -18.48 -11.13
N THR A 341 8.71 -18.72 -9.94
CA THR A 341 7.94 -18.50 -8.69
C THR A 341 8.57 -17.47 -7.72
N GLN A 342 9.67 -16.82 -8.12
CA GLN A 342 10.27 -15.72 -7.34
C GLN A 342 11.06 -14.80 -8.26
N GLY A 343 10.66 -13.53 -8.28
CA GLY A 343 11.36 -12.48 -9.01
C GLY A 343 12.42 -11.80 -8.16
N PRO A 344 12.96 -10.68 -8.66
CA PRO A 344 14.00 -9.92 -7.97
C PRO A 344 13.45 -8.97 -6.91
N GLN A 345 14.36 -8.40 -6.11
CA GLN A 345 14.06 -7.22 -5.29
C GLN A 345 14.03 -5.99 -6.20
N ILE A 346 13.46 -4.89 -5.70
CA ILE A 346 13.17 -3.73 -6.55
C ILE A 346 14.40 -2.95 -7.05
N ASP A 347 15.42 -2.78 -6.21
CA ASP A 347 16.59 -1.98 -6.60
C ASP A 347 17.83 -2.28 -5.73
N LYS A 348 18.92 -1.58 -6.03
CA LYS A 348 20.19 -1.73 -5.31
C LYS A 348 20.05 -1.42 -3.82
N GLU A 349 19.41 -0.30 -3.50
CA GLU A 349 19.28 0.19 -2.12
C GLU A 349 18.65 -0.89 -1.23
N GLN A 350 17.51 -1.41 -1.67
CA GLN A 350 16.80 -2.48 -0.97
C GLN A 350 17.58 -3.79 -0.92
N TYR A 351 18.13 -4.16 -2.06
CA TYR A 351 18.99 -5.36 -2.21
C TYR A 351 20.11 -5.36 -1.17
N ASP A 352 20.82 -4.24 -1.06
CA ASP A 352 21.93 -4.12 -0.09
C ASP A 352 21.45 -4.27 1.34
N LYS A 353 20.38 -3.54 1.67
CA LYS A 353 19.77 -3.56 3.01
C LYS A 353 19.40 -4.97 3.46
N ILE A 354 18.88 -5.78 2.55
CA ILE A 354 18.48 -7.16 2.83
C ILE A 354 19.67 -8.06 3.11
N LEU A 355 20.67 -8.02 2.23
CA LEU A 355 21.90 -8.82 2.40
C LEU A 355 22.65 -8.43 3.67
N ASP A 356 22.74 -7.14 3.94
CA ASP A 356 23.27 -6.66 5.21
C ASP A 356 22.57 -7.30 6.42
N LEU A 357 21.24 -7.31 6.41
CA LEU A 357 20.46 -7.90 7.52
C LEU A 357 20.55 -9.42 7.59
N ILE A 358 20.66 -10.08 6.44
CA ILE A 358 20.94 -11.52 6.40
C ILE A 358 22.25 -11.84 7.12
N GLU A 359 23.28 -11.01 6.89
CA GLU A 359 24.58 -11.17 7.54
C GLU A 359 24.56 -10.98 9.06
N SER A 360 23.72 -10.06 9.53
CA SER A 360 23.54 -9.84 10.96
C SER A 360 22.96 -11.09 11.64
N GLY A 361 21.97 -11.71 11.00
CA GLY A 361 21.40 -12.97 11.50
C GLY A 361 22.47 -14.04 11.70
N LYS A 362 23.35 -14.17 10.71
CA LYS A 362 24.49 -15.08 10.80
C LYS A 362 25.42 -14.71 11.96
N LYS A 363 25.90 -13.46 11.97
CA LYS A 363 26.86 -12.98 12.98
C LYS A 363 26.29 -12.97 14.42
N GLU A 364 25.02 -12.61 14.57
CA GLU A 364 24.35 -12.60 15.88
C GLU A 364 23.86 -13.97 16.35
N GLY A 365 23.97 -14.99 15.49
CA GLY A 365 23.85 -16.38 15.90
C GLY A 365 22.53 -17.08 15.62
N ALA A 366 21.73 -16.57 14.67
CA ALA A 366 20.55 -17.29 14.21
C ALA A 366 20.99 -18.52 13.44
N LYS A 367 20.17 -19.57 13.44
CA LYS A 367 20.48 -20.78 12.69
C LYS A 367 19.96 -20.66 11.25
N LEU A 368 20.88 -20.50 10.30
CA LEU A 368 20.57 -20.45 8.87
C LEU A 368 20.10 -21.83 8.39
N GLU A 369 18.83 -21.93 8.03
CA GLU A 369 18.23 -23.19 7.57
C GLU A 369 18.34 -23.41 6.06
N CYS A 370 18.34 -22.32 5.31
CA CYS A 370 18.52 -22.33 3.86
C CYS A 370 18.72 -20.90 3.38
N GLY A 371 19.18 -20.74 2.15
CA GLY A 371 19.40 -19.42 1.55
C GLY A 371 20.55 -18.68 2.20
N GLY A 372 20.45 -17.36 2.20
CA GLY A 372 21.39 -16.48 2.90
C GLY A 372 22.43 -15.79 2.03
N GLY A 373 22.25 -15.83 0.71
CA GLY A 373 23.10 -15.10 -0.22
C GLY A 373 22.36 -14.65 -1.46
N PRO A 374 23.08 -14.01 -2.40
CA PRO A 374 22.49 -13.57 -3.66
C PRO A 374 22.26 -14.72 -4.64
N TRP A 375 21.71 -14.38 -5.82
CA TRP A 375 21.47 -15.33 -6.90
C TRP A 375 21.63 -14.66 -8.27
N GLY A 376 22.25 -15.37 -9.21
CA GLY A 376 22.25 -15.00 -10.64
C GLY A 376 23.37 -14.06 -11.09
N ASN A 377 23.44 -13.88 -12.41
CA ASN A 377 24.39 -12.95 -13.04
C ASN A 377 23.85 -11.51 -13.09
N LYS A 378 22.56 -11.39 -13.36
CA LYS A 378 21.88 -10.11 -13.36
C LYS A 378 20.65 -10.16 -12.49
N GLY A 379 20.09 -8.98 -12.22
CA GLY A 379 18.91 -8.84 -11.38
C GLY A 379 19.23 -8.74 -9.90
N TYR A 380 18.34 -8.14 -9.12
CA TYR A 380 18.56 -7.96 -7.68
C TYR A 380 17.93 -9.12 -6.90
N PHE A 381 18.42 -10.34 -7.15
CA PHE A 381 17.86 -11.56 -6.57
C PHE A 381 18.53 -11.95 -5.25
N VAL A 382 17.69 -12.28 -4.25
CA VAL A 382 18.14 -12.80 -2.97
C VAL A 382 17.54 -14.21 -2.84
N GLN A 383 18.38 -15.18 -2.49
CA GLN A 383 17.88 -16.53 -2.22
C GLN A 383 16.86 -16.46 -1.09
N PRO A 384 15.76 -17.25 -1.18
CA PRO A 384 14.79 -17.28 -0.06
C PRO A 384 15.45 -17.85 1.19
N THR A 385 15.41 -17.08 2.28
CA THR A 385 16.21 -17.39 3.46
C THR A 385 15.30 -17.66 4.65
N VAL A 386 15.63 -18.70 5.41
CA VAL A 386 14.92 -19.05 6.65
C VAL A 386 15.93 -19.11 7.81
N PHE A 387 15.62 -18.40 8.89
CA PHE A 387 16.38 -18.44 10.14
C PHE A 387 15.50 -19.03 11.23
N SER A 388 16.01 -20.06 11.93
CA SER A 388 15.38 -20.58 13.13
C SER A 388 16.24 -20.25 14.35
N ASN A 389 15.66 -20.47 15.53
CA ASN A 389 16.24 -20.07 16.82
C ASN A 389 16.61 -18.58 16.87
N VAL A 390 15.71 -17.75 16.34
CA VAL A 390 15.87 -16.31 16.36
C VAL A 390 15.46 -15.82 17.76
N THR A 391 16.15 -14.79 18.25
CA THR A 391 15.84 -14.19 19.55
C THR A 391 15.59 -12.71 19.36
N ASP A 392 14.94 -12.11 20.36
CA ASP A 392 14.24 -10.84 20.18
C ASP A 392 15.13 -9.61 19.99
N GLU A 393 16.34 -9.63 20.54
CA GLU A 393 17.27 -8.51 20.33
C GLU A 393 18.12 -8.61 19.06
N MET A 394 17.95 -9.69 18.28
CA MET A 394 18.61 -9.79 16.98
C MET A 394 18.09 -8.73 16.04
N ARG A 395 18.96 -8.29 15.13
CA ARG A 395 18.58 -7.29 14.13
C ARG A 395 17.46 -7.80 13.25
N ILE A 396 17.58 -9.05 12.80
CA ILE A 396 16.50 -9.69 12.00
C ILE A 396 15.12 -9.79 12.68
N ALA A 397 15.07 -9.72 14.00
CA ALA A 397 13.82 -9.70 14.78
C ALA A 397 13.28 -8.30 15.07
N LYS A 398 14.11 -7.27 14.93
CA LYS A 398 13.71 -5.90 15.22
C LYS A 398 13.45 -5.05 13.98
N GLU A 399 14.26 -5.22 12.95
CA GLU A 399 14.20 -4.37 11.76
C GLU A 399 13.42 -5.01 10.62
N GLU A 400 12.61 -4.19 9.93
CA GLU A 400 11.92 -4.62 8.72
C GLU A 400 12.95 -4.92 7.64
N ILE A 401 13.00 -6.17 7.18
CA ILE A 401 13.95 -6.60 6.16
C ILE A 401 13.45 -6.18 4.77
N PHE A 402 12.15 -6.37 4.53
CA PHE A 402 11.54 -6.13 3.23
C PHE A 402 12.17 -7.01 2.15
N GLY A 403 12.50 -8.25 2.54
CA GLY A 403 13.15 -9.22 1.67
C GLY A 403 12.63 -10.62 1.98
N PRO A 404 13.02 -11.60 1.16
CA PRO A 404 12.56 -12.98 1.37
C PRO A 404 13.36 -13.64 2.48
N VAL A 405 13.07 -13.26 3.72
CA VAL A 405 13.84 -13.71 4.89
C VAL A 405 12.87 -13.98 6.04
N GLN A 406 12.68 -15.26 6.37
CA GLN A 406 11.74 -15.70 7.40
C GLN A 406 12.47 -15.89 8.74
N GLN A 407 11.83 -15.42 9.82
CA GLN A 407 12.32 -15.61 11.20
C GLN A 407 11.34 -16.51 11.93
N ILE A 408 11.85 -17.57 12.57
CA ILE A 408 11.02 -18.49 13.35
C ILE A 408 11.55 -18.62 14.78
N MET A 409 10.67 -18.31 15.74
CA MET A 409 11.00 -18.32 17.17
C MET A 409 10.19 -19.36 17.89
N LYS A 410 10.60 -19.67 19.11
CA LYS A 410 9.86 -20.57 19.97
C LYS A 410 9.34 -19.84 21.20
N PHE A 411 8.23 -20.35 21.74
CA PHE A 411 7.69 -19.87 22.99
C PHE A 411 7.03 -21.03 23.70
N LYS A 412 6.90 -20.90 25.02
CA LYS A 412 6.17 -21.85 25.82
C LYS A 412 5.04 -21.20 26.63
N SER A 413 5.17 -19.91 26.96
CA SER A 413 4.15 -19.16 27.71
C SER A 413 3.36 -18.21 26.80
N LEU A 414 2.03 -18.31 26.85
CA LEU A 414 1.17 -17.44 26.07
C LEU A 414 1.19 -15.97 26.54
N ASP A 415 1.18 -15.73 27.85
CA ASP A 415 1.35 -14.37 28.40
C ASP A 415 2.56 -13.66 27.83
N ASP A 416 3.70 -14.36 27.86
CA ASP A 416 4.98 -13.81 27.47
C ASP A 416 5.09 -13.57 25.95
N VAL A 417 4.62 -14.52 25.15
CA VAL A 417 4.68 -14.40 23.68
C VAL A 417 3.84 -13.21 23.17
N ILE A 418 2.73 -12.92 23.84
CA ILE A 418 1.93 -11.73 23.52
C ILE A 418 2.72 -10.46 23.80
N LYS A 419 3.42 -10.42 24.94
CA LYS A 419 4.30 -9.29 25.26
C LYS A 419 5.41 -9.15 24.23
N ARG A 420 5.99 -10.28 23.81
CA ARG A 420 7.04 -10.27 22.79
C ARG A 420 6.49 -9.81 21.45
N ALA A 421 5.30 -10.30 21.09
CA ALA A 421 4.59 -9.85 19.87
C ALA A 421 4.35 -8.35 19.88
N ASN A 422 3.90 -7.83 21.04
CA ASN A 422 3.59 -6.41 21.19
C ASN A 422 4.80 -5.52 21.47
N ASN A 423 5.94 -6.13 21.79
CA ASN A 423 7.15 -5.38 22.15
C ASN A 423 7.91 -4.93 20.90
N THR A 424 7.31 -3.98 20.19
CA THR A 424 7.86 -3.38 18.98
C THR A 424 7.20 -2.02 18.82
N PHE A 425 7.88 -1.08 18.19
CA PHE A 425 7.26 0.19 17.81
C PHE A 425 6.29 0.01 16.62
N TYR A 426 6.42 -1.10 15.90
CA TYR A 426 5.50 -1.42 14.80
C TYR A 426 4.16 -1.95 15.31
N GLY A 427 3.23 -2.15 14.37
CA GLY A 427 1.90 -2.64 14.73
C GLY A 427 0.92 -2.67 13.57
N LEU A 428 1.38 -3.11 12.41
CA LEU A 428 0.53 -3.10 11.23
C LEU A 428 -0.47 -4.25 11.22
N SER A 429 0.02 -5.44 11.55
CA SER A 429 -0.78 -6.64 11.46
C SER A 429 -0.21 -7.77 12.30
N ALA A 430 -0.98 -8.84 12.43
CA ALA A 430 -0.55 -10.05 13.14
C ALA A 430 -1.42 -11.23 12.76
N GLY A 431 -0.97 -12.42 13.10
CA GLY A 431 -1.63 -13.68 12.78
C GLY A 431 -1.73 -14.55 14.00
N VAL A 432 -2.88 -15.20 14.18
CA VAL A 432 -3.11 -16.12 15.30
C VAL A 432 -3.61 -17.43 14.73
N PHE A 433 -2.95 -18.53 15.08
CA PHE A 433 -3.32 -19.86 14.57
C PHE A 433 -3.66 -20.77 15.75
N THR A 434 -4.94 -21.12 15.84
CA THR A 434 -5.47 -21.97 16.91
C THR A 434 -6.84 -22.48 16.50
N LYS A 435 -7.27 -23.59 17.09
CA LYS A 435 -8.64 -24.10 16.92
C LYS A 435 -9.61 -23.65 18.03
N ASP A 436 -9.07 -23.03 19.10
CA ASP A 436 -9.83 -22.70 20.29
C ASP A 436 -10.49 -21.32 20.18
N ILE A 437 -11.80 -21.29 20.32
CA ILE A 437 -12.61 -20.07 20.20
C ILE A 437 -12.09 -18.99 21.13
N ASP A 438 -11.97 -19.32 22.41
CA ASP A 438 -11.56 -18.34 23.42
C ASP A 438 -10.17 -17.76 23.15
N LYS A 439 -9.22 -18.63 22.80
CA LYS A 439 -7.85 -18.19 22.47
C LYS A 439 -7.88 -17.22 21.27
N ALA A 440 -8.65 -17.57 20.25
CA ALA A 440 -8.73 -16.74 19.04
C ALA A 440 -9.21 -15.33 19.32
N ILE A 441 -10.25 -15.23 20.15
CA ILE A 441 -10.86 -13.95 20.50
C ILE A 441 -9.93 -13.20 21.46
N THR A 442 -9.46 -13.85 22.52
CA THR A 442 -8.65 -13.13 23.52
C THR A 442 -7.30 -12.70 22.98
N ILE A 443 -6.65 -13.53 22.14
CA ILE A 443 -5.33 -13.17 21.64
C ILE A 443 -5.43 -12.02 20.64
N SER A 444 -6.39 -12.11 19.73
CA SER A 444 -6.57 -11.09 18.70
C SER A 444 -6.93 -9.76 19.34
N SER A 445 -7.72 -9.79 20.42
CA SER A 445 -8.02 -8.57 21.20
C SER A 445 -6.79 -7.94 21.87
N ALA A 446 -5.89 -8.78 22.35
CA ALA A 446 -4.68 -8.34 23.07
C ALA A 446 -3.52 -7.86 22.17
N LEU A 447 -3.51 -8.26 20.90
CA LEU A 447 -2.45 -7.84 19.99
C LEU A 447 -2.62 -6.39 19.58
N GLN A 448 -1.52 -5.64 19.62
CA GLN A 448 -1.50 -4.25 19.23
C GLN A 448 -1.16 -4.13 17.74
N ALA A 449 -2.11 -4.56 16.92
CA ALA A 449 -1.96 -4.69 15.48
C ALA A 449 -3.29 -4.27 14.81
N GLY A 450 -3.19 -3.56 13.71
CA GLY A 450 -4.37 -3.01 13.02
C GLY A 450 -5.25 -4.04 12.34
N THR A 451 -4.62 -5.04 11.74
CA THR A 451 -5.32 -6.24 11.27
C THR A 451 -4.81 -7.49 11.94
N VAL A 452 -5.73 -8.27 12.51
CA VAL A 452 -5.35 -9.55 13.11
C VAL A 452 -6.05 -10.67 12.32
N TRP A 453 -5.26 -11.50 11.64
CA TRP A 453 -5.78 -12.67 10.93
C TRP A 453 -5.79 -13.87 11.84
N VAL A 454 -6.89 -14.64 11.79
CA VAL A 454 -7.05 -15.85 12.57
C VAL A 454 -7.13 -17.02 11.61
N ASN A 455 -6.14 -17.92 11.72
CA ASN A 455 -6.01 -19.12 10.88
C ASN A 455 -5.86 -18.80 9.39
N CYS A 456 -5.29 -17.64 9.12
CA CYS A 456 -4.94 -17.18 7.79
C CYS A 456 -3.96 -16.02 7.92
N TYR A 457 -3.55 -15.46 6.79
CA TYR A 457 -2.63 -14.34 6.77
C TYR A 457 -2.71 -13.68 5.42
N GLY A 458 -2.53 -12.36 5.40
CA GLY A 458 -2.51 -11.58 4.16
C GLY A 458 -3.82 -11.53 3.41
N VAL A 459 -4.95 -11.68 4.11
CA VAL A 459 -6.28 -11.52 3.52
C VAL A 459 -6.74 -10.05 3.55
N VAL A 460 -6.63 -9.41 2.39
CA VAL A 460 -6.92 -8.00 2.21
C VAL A 460 -8.08 -7.88 1.24
N SER A 461 -9.04 -7.04 1.55
CA SER A 461 -10.18 -6.80 0.66
C SER A 461 -10.68 -5.37 0.83
N ALA A 462 -11.34 -4.85 -0.21
CA ALA A 462 -11.81 -3.47 -0.26
C ALA A 462 -12.80 -3.10 0.84
N GLN A 463 -13.53 -4.10 1.35
CA GLN A 463 -14.61 -3.87 2.30
C GLN A 463 -14.09 -3.62 3.71
N CYS A 464 -12.81 -3.98 3.95
CA CYS A 464 -12.15 -3.87 5.27
C CYS A 464 -11.31 -2.65 5.40
N PRO A 465 -11.38 -1.98 6.57
CA PRO A 465 -10.38 -0.96 6.82
C PRO A 465 -9.02 -1.60 7.11
N PHE A 466 -7.97 -0.88 6.75
CA PHE A 466 -6.59 -1.37 6.82
C PHE A 466 -5.67 -0.23 7.24
N GLY A 467 -4.83 -0.48 8.25
CA GLY A 467 -3.82 0.48 8.67
C GLY A 467 -3.12 0.06 9.95
N GLY A 468 -2.23 0.89 10.44
CA GLY A 468 -1.35 0.54 11.55
C GLY A 468 -1.74 1.08 12.92
N PHE A 469 -1.46 0.29 13.95
CA PHE A 469 -1.28 0.77 15.32
C PHE A 469 0.16 1.32 15.41
N LYS A 470 0.39 2.22 16.36
CA LYS A 470 1.72 2.69 16.70
C LYS A 470 2.48 3.29 15.49
N MET A 471 3.77 3.01 15.34
CA MET A 471 4.56 3.63 14.27
C MET A 471 4.37 2.93 12.91
N SER A 472 3.44 1.97 12.82
CA SER A 472 3.05 1.40 11.52
C SER A 472 2.05 2.28 10.76
N GLY A 473 1.61 3.38 11.36
CA GLY A 473 0.75 4.31 10.64
C GLY A 473 -0.21 5.13 11.48
N ASN A 474 -0.86 6.06 10.77
CA ASN A 474 -1.91 6.94 11.28
C ASN A 474 -3.06 6.78 10.32
N GLY A 475 -4.25 6.48 10.84
CA GLY A 475 -5.50 6.43 10.07
C GLY A 475 -5.70 5.07 9.41
N ARG A 476 -6.79 4.95 8.64
CA ARG A 476 -7.16 3.72 7.97
C ARG A 476 -7.55 3.97 6.53
N GLU A 477 -7.34 2.98 5.68
CA GLU A 477 -7.72 3.06 4.28
C GLU A 477 -8.73 1.98 3.99
N LEU A 478 -9.62 2.28 3.06
CA LEU A 478 -10.65 1.37 2.60
C LEU A 478 -11.66 1.08 3.70
N GLY A 479 -12.66 0.24 3.38
CA GLY A 479 -13.82 0.05 4.23
C GLY A 479 -14.61 1.34 4.30
N GLU A 480 -15.71 1.30 5.04
CA GLU A 480 -16.46 2.50 5.38
C GLU A 480 -15.57 3.48 6.17
N TYR A 481 -14.81 2.93 7.12
CA TYR A 481 -14.05 3.75 8.04
C TYR A 481 -12.98 4.59 7.34
N GLY A 482 -12.35 4.02 6.31
CA GLY A 482 -11.32 4.72 5.58
C GLY A 482 -11.80 5.94 4.82
N PHE A 483 -13.06 5.91 4.39
CA PHE A 483 -13.64 7.05 3.67
C PHE A 483 -13.78 8.31 4.53
N HIS A 484 -13.80 8.15 5.86
CA HIS A 484 -13.86 9.30 6.75
C HIS A 484 -12.70 10.26 6.59
N GLU A 485 -11.52 9.72 6.35
CA GLU A 485 -10.31 10.52 6.27
C GLU A 485 -10.09 11.24 4.94
N TYR A 486 -11.04 11.09 4.01
CA TYR A 486 -11.09 11.91 2.81
C TYR A 486 -12.29 12.85 2.82
N THR A 487 -12.90 13.05 4.00
CA THR A 487 -13.89 14.11 4.16
C THR A 487 -13.45 15.12 5.25
N GLU A 488 -14.01 16.32 5.14
CA GLU A 488 -13.85 17.35 6.15
C GLU A 488 -15.27 17.69 6.59
N VAL A 489 -15.53 17.60 7.90
CA VAL A 489 -16.87 17.78 8.42
C VAL A 489 -17.16 19.25 8.76
N LYS A 490 -18.26 19.76 8.19
CA LYS A 490 -18.77 21.10 8.47
C LYS A 490 -20.09 20.97 9.20
N THR A 491 -20.21 21.64 10.34
CA THR A 491 -21.46 21.77 11.08
C THR A 491 -22.13 23.07 10.70
N VAL A 492 -23.41 22.99 10.33
CA VAL A 492 -24.21 24.16 10.00
C VAL A 492 -25.34 24.25 11.01
N THR A 493 -25.38 25.36 11.74
CA THR A 493 -26.34 25.55 12.81
C THR A 493 -27.16 26.79 12.51
N VAL A 494 -28.46 26.57 12.27
CA VAL A 494 -29.41 27.60 11.83
C VAL A 494 -30.37 27.93 12.97
N LYS A 495 -30.43 29.21 13.33
CA LYS A 495 -31.44 29.70 14.28
C LYS A 495 -32.85 29.54 13.74
N ILE A 496 -33.75 28.99 14.55
CA ILE A 496 -35.15 28.85 14.19
C ILE A 496 -36.04 29.31 15.34
N SER A 497 -37.28 29.67 15.04
CA SER A 497 -38.20 30.20 16.06
C SER A 497 -38.52 29.14 17.10
N GLN A 498 -38.84 27.93 16.65
CA GLN A 498 -39.16 26.80 17.53
CA GLN A 498 -39.03 26.81 17.55
C GLN A 498 -38.81 25.48 16.84
N LYS A 499 -38.04 24.62 17.50
CA LYS A 499 -37.77 23.28 17.03
C LYS A 499 -38.82 22.31 17.57
N ASN A 500 -38.96 21.20 16.87
CA ASN A 500 -39.73 20.07 17.34
C ASN A 500 -38.94 18.81 17.03
N SER A 501 -39.06 17.81 17.89
CA SER A 501 -38.39 16.52 17.71
C SER A 501 -38.80 15.84 16.38
YB YB B . 25.91 -7.41 -9.85
O11 VM4 C . 0.87 -7.11 1.33
C1 VM4 C . -0.06 -7.64 0.67
N2 VM4 C . -1.08 -6.84 0.09
C12 VM4 C . -1.04 -5.45 0.31
C13 VM4 C . -1.48 -4.99 1.55
C14 VM4 C . -1.46 -3.63 1.85
C15 VM4 C . -0.99 -2.72 0.90
C16 VM4 C . -0.54 -3.18 -0.34
C17 VM4 C . -0.56 -4.55 -0.63
C3 VM4 C . -2.14 -7.45 -0.65
N4 VM4 C . -2.19 -8.84 -0.82
C5 VM4 C . -1.22 -9.66 -0.28
N9 VM4 C . -1.02 -10.98 -0.28
C10 VM4 C . -1.79 -12.09 -0.89
N8 VM4 C . 0.15 -11.35 0.44
C7 VM4 C . 0.71 -10.21 0.91
C6 VM4 C . -0.10 -9.11 0.50
S18 VM4 C . -3.38 -6.51 -1.35
C19 VM4 C . -4.27 -7.37 -2.61
C26 VM4 C . -3.50 -7.31 -3.95
C20 VM4 C . -5.62 -6.79 -2.73
C21 VM4 C . -6.76 -7.56 -2.52
C22 VM4 C . -8.03 -6.98 -2.63
C23 VM4 C . -8.15 -5.62 -2.95
C24 VM4 C . -6.99 -4.85 -3.17
O24 VM4 C . -7.04 -3.54 -3.48
C25 VM4 C . -5.74 -5.45 -3.05
CL CL D . -21.30 14.31 11.54
#